data_2QDT
#
_entry.id   2QDT
#
_cell.length_a   105.319
_cell.length_b   105.319
_cell.length_c   97.960
_cell.angle_alpha   90.00
_cell.angle_beta   90.00
_cell.angle_gamma   120.00
#
_symmetry.space_group_name_H-M   'P 64 2 2'
#
loop_
_entity.id
_entity.type
_entity.pdbx_description
1 polymer 'Metallo-beta-lactamase L1'
2 non-polymer 'ZINC ION'
3 non-polymer 'SULFATE ION'
4 non-polymer N-(3-MERCAPTOPROPANOYL)-D-ALANINE
5 water water
#
_entity_poly.entity_id   1
_entity_poly.type   'polypeptide(L)'
_entity_poly.pdbx_seq_one_letter_code
;AEVPLPQLRAYTVDASWLQPMAPLQIADHTWQIGTEDLTALLVQTPDGAVLLDGGMPQMASHLLDNMKARGVTPRDLRLI
LLSHAHADHAGPVAELKRRTGAKVAANAESAVLLARGGSDDLHFGDGITYPPANADRIVMDGEVITVGGIVFTAHFMAGH
TPGSTAWTWTDTRNGKPVRIAYADSLSAPGYQLQGNPRYPHLIEDYRRSFATVRALPCDVLLTPHPGASNWDYAAGARAG
AKALTCKAYADAAEQKFDGQLAKETAGAR
;
_entity_poly.pdbx_strand_id   A
#
loop_
_chem_comp.id
_chem_comp.type
_chem_comp.name
_chem_comp.formula
I38 non-polymer N-(3-MERCAPTOPROPANOYL)-D-ALANINE 'C6 H11 N O3 S'
SO4 non-polymer 'SULFATE ION' 'O4 S -2'
ZN non-polymer 'ZINC ION' 'Zn 2'
#
# COMPACT_ATOMS: atom_id res chain seq x y z
N GLU A 2 16.29 29.43 -29.02
CA GLU A 2 14.88 29.54 -28.51
C GLU A 2 14.44 28.23 -27.84
N VAL A 3 14.27 28.26 -26.52
CA VAL A 3 14.07 27.07 -25.68
C VAL A 3 12.61 26.95 -25.22
N PRO A 4 11.89 25.88 -25.63
CA PRO A 4 10.52 25.77 -25.15
C PRO A 4 10.50 25.20 -23.74
N LEU A 5 9.35 25.28 -23.12
CA LEU A 5 9.12 24.63 -21.83
C LEU A 5 9.34 23.12 -22.00
N PRO A 6 9.72 22.41 -20.93
CA PRO A 6 9.96 20.97 -21.08
C PRO A 6 8.67 20.19 -21.30
N GLN A 7 8.81 19.02 -21.90
CA GLN A 7 7.69 18.11 -22.06
C GLN A 7 7.33 17.59 -20.68
N LEU A 8 6.08 17.18 -20.50
CA LEU A 8 5.70 16.50 -19.28
C LEU A 8 6.51 15.21 -19.21
N ARG A 9 6.95 14.85 -18.01
CA ARG A 9 7.67 13.60 -17.80
C ARG A 9 6.73 12.57 -17.21
N ALA A 10 6.59 11.45 -17.90
CA ALA A 10 5.81 10.33 -17.41
C ALA A 10 6.50 9.76 -16.18
N TYR A 11 5.70 9.24 -15.29
CA TYR A 11 6.20 8.56 -14.12
C TYR A 11 6.67 7.14 -14.51
N THR A 12 7.97 6.98 -14.74
CA THR A 12 8.52 5.70 -15.20
C THR A 12 9.17 4.98 -14.02
N VAL A 13 9.20 3.65 -14.09
CA VAL A 13 9.57 2.81 -12.95
C VAL A 13 10.37 1.58 -13.41
N ASP A 14 11.03 0.90 -12.49
CA ASP A 14 11.84 -0.26 -12.82
C ASP A 14 10.93 -1.27 -13.48
N ALA A 15 11.46 -2.03 -14.43
CA ALA A 15 10.65 -3.05 -15.12
C ALA A 15 10.00 -4.05 -14.15
N SER A 16 10.71 -4.46 -13.11
CA SER A 16 10.18 -5.42 -12.14
C SER A 16 8.86 -4.95 -11.49
N TRP A 17 8.69 -3.62 -11.36
CA TRP A 17 7.44 -3.07 -10.80
C TRP A 17 6.23 -3.32 -11.69
N LEU A 18 6.51 -3.52 -12.97
CA LEU A 18 5.48 -3.68 -14.00
C LEU A 18 5.48 -5.08 -14.58
N GLN A 19 6.16 -6.02 -13.91
CA GLN A 19 6.28 -7.39 -14.40
C GLN A 19 5.19 -8.29 -13.84
N PRO A 20 4.23 -8.69 -14.69
CA PRO A 20 3.12 -9.49 -14.19
C PRO A 20 3.59 -10.81 -13.58
N MET A 21 2.87 -11.27 -12.56
CA MET A 21 3.09 -12.59 -11.95
C MET A 21 1.74 -13.26 -11.73
N ALA A 22 1.72 -14.59 -11.74
CA ALA A 22 0.53 -15.35 -11.33
C ALA A 22 0.19 -15.11 -9.87
N PRO A 23 -1.06 -15.38 -9.47
CA PRO A 23 -1.38 -15.26 -8.06
C PRO A 23 -0.47 -16.15 -7.19
N LEU A 24 0.02 -15.57 -6.09
CA LEU A 24 0.91 -16.23 -5.12
C LEU A 24 0.16 -16.28 -3.79
N GLN A 25 -0.07 -17.49 -3.29
CA GLN A 25 -0.83 -17.63 -2.07
C GLN A 25 0.02 -17.25 -0.86
N ILE A 26 -0.59 -16.48 0.05
CA ILE A 26 0.06 -16.01 1.28
C ILE A 26 -0.56 -16.75 2.45
N ALA A 27 -1.88 -16.89 2.44
CA ALA A 27 -2.60 -17.68 3.43
C ALA A 27 -3.85 -18.23 2.76
N ASP A 28 -4.70 -18.91 3.51
CA ASP A 28 -5.81 -19.64 2.92
C ASP A 28 -6.71 -18.79 2.01
N HIS A 29 -6.94 -17.54 2.41
CA HIS A 29 -7.78 -16.61 1.62
C HIS A 29 -7.09 -15.36 1.11
N THR A 30 -5.78 -15.27 1.33
CA THR A 30 -4.98 -14.12 0.94
C THR A 30 -3.95 -14.44 -0.14
N TRP A 31 -4.00 -13.67 -1.22
CA TRP A 31 -3.11 -13.84 -2.35
C TRP A 31 -2.46 -12.53 -2.80
N GLN A 32 -1.18 -12.59 -3.18
CA GLN A 32 -0.53 -11.52 -3.92
C GLN A 32 -0.88 -11.67 -5.39
N ILE A 33 -1.49 -10.64 -5.97
CA ILE A 33 -1.95 -10.70 -7.37
C ILE A 33 -1.42 -9.58 -8.26
N GLY A 34 -0.44 -8.82 -7.76
CA GLY A 34 0.11 -7.70 -8.49
C GLY A 34 1.25 -8.13 -9.40
N THR A 35 2.33 -7.35 -9.35
CA THR A 35 3.52 -7.58 -10.16
C THR A 35 4.64 -8.10 -9.26
N GLU A 36 5.79 -8.42 -9.84
CA GLU A 36 6.88 -8.94 -9.03
C GLU A 36 7.30 -7.96 -7.93
N ASP A 37 7.28 -6.65 -8.21
CA ASP A 37 7.75 -5.66 -7.23
C ASP A 37 6.73 -4.66 -6.70
N LEU A 38 5.44 -4.89 -6.96
CA LEU A 38 4.42 -4.09 -6.31
C LEU A 38 3.32 -5.01 -5.81
N THR A 39 2.98 -4.81 -4.54
CA THR A 39 1.98 -5.58 -3.84
C THR A 39 0.59 -5.14 -4.25
N ALA A 40 -0.27 -6.11 -4.42
CA ALA A 40 -1.71 -5.92 -4.56
C ALA A 40 -2.30 -7.20 -3.95
N LEU A 41 -2.96 -7.07 -2.80
CA LEU A 41 -3.45 -8.23 -2.07
C LEU A 41 -4.93 -8.45 -2.29
N LEU A 42 -5.28 -9.65 -2.77
CA LEU A 42 -6.67 -10.11 -2.86
C LEU A 42 -7.00 -11.00 -1.65
N VAL A 43 -8.04 -10.63 -0.90
CA VAL A 43 -8.55 -11.44 0.20
C VAL A 43 -9.97 -11.92 -0.19
N GLN A 44 -10.10 -13.24 -0.28
CA GLN A 44 -11.29 -13.91 -0.81
C GLN A 44 -12.17 -14.44 0.28
N THR A 45 -13.44 -14.06 0.18
CA THR A 45 -14.41 -14.20 1.23
C THR A 45 -15.64 -14.89 0.64
N PRO A 46 -16.44 -15.56 1.48
CA PRO A 46 -17.70 -16.08 0.94
C PRO A 46 -18.59 -14.92 0.47
N ASP A 47 -18.53 -13.82 1.22
CA ASP A 47 -19.27 -12.61 0.87
C ASP A 47 -18.49 -11.64 -0.03
N GLY A 48 -17.70 -12.13 -0.97
CA GLY A 48 -17.04 -11.24 -1.93
C GLY A 48 -15.58 -10.99 -1.58
N ALA A 49 -14.88 -10.31 -2.48
CA ALA A 49 -13.44 -10.16 -2.34
C ALA A 49 -13.05 -8.71 -1.96
N VAL A 50 -11.91 -8.60 -1.30
CA VAL A 50 -11.29 -7.33 -0.97
C VAL A 50 -9.93 -7.22 -1.63
N LEU A 51 -9.62 -6.05 -2.18
CA LEU A 51 -8.31 -5.75 -2.73
C LEU A 51 -7.63 -4.68 -1.90
N LEU A 52 -6.41 -4.94 -1.43
CA LEU A 52 -5.61 -3.93 -0.74
C LEU A 52 -4.51 -3.56 -1.69
N ASP A 53 -4.61 -2.33 -2.20
CA ASP A 53 -3.73 -1.74 -3.23
C ASP A 53 -3.88 -2.37 -4.62
N GLY A 54 -3.55 -1.59 -5.64
CA GLY A 54 -3.61 -2.02 -7.02
C GLY A 54 -2.32 -1.82 -7.76
N GLY A 55 -1.34 -1.15 -7.16
CA GLY A 55 -0.09 -0.87 -7.85
C GLY A 55 -0.20 0.33 -8.79
N MET A 56 0.41 0.20 -9.98
CA MET A 56 0.48 1.27 -10.96
C MET A 56 -0.78 1.36 -11.82
N PRO A 57 -1.00 2.53 -12.48
CA PRO A 57 -2.27 2.68 -13.26
C PRO A 57 -2.46 1.61 -14.35
N GLN A 58 -1.38 1.17 -14.96
CA GLN A 58 -1.51 0.20 -16.06
C GLN A 58 -1.74 -1.25 -15.62
N MET A 59 -1.81 -1.52 -14.31
CA MET A 59 -2.02 -2.90 -13.80
C MET A 59 -3.51 -3.32 -13.71
N ALA A 60 -4.43 -2.44 -14.08
CA ALA A 60 -5.86 -2.75 -13.91
C ALA A 60 -6.28 -4.09 -14.56
N SER A 61 -6.05 -4.25 -15.86
CA SER A 61 -6.49 -5.49 -16.53
C SER A 61 -5.78 -6.74 -15.98
N HIS A 62 -4.49 -6.60 -15.66
CA HIS A 62 -3.75 -7.69 -15.06
C HIS A 62 -4.41 -8.13 -13.75
N LEU A 63 -4.77 -7.16 -12.91
CA LEU A 63 -5.42 -7.47 -11.66
C LEU A 63 -6.72 -8.22 -11.88
N LEU A 64 -7.50 -7.73 -12.84
CA LEU A 64 -8.80 -8.34 -13.16
C LEU A 64 -8.61 -9.79 -13.68
N ASP A 65 -7.57 -10.00 -14.47
CA ASP A 65 -7.20 -11.34 -14.95
C ASP A 65 -6.83 -12.25 -13.81
N ASN A 66 -5.99 -11.77 -12.91
CA ASN A 66 -5.66 -12.58 -11.73
C ASN A 66 -6.84 -12.91 -10.84
N MET A 67 -7.74 -11.95 -10.68
CA MET A 67 -8.95 -12.17 -9.92
C MET A 67 -9.79 -13.27 -10.56
N LYS A 68 -9.95 -13.19 -11.88
CA LYS A 68 -10.67 -14.19 -12.66
C LYS A 68 -10.07 -15.60 -12.43
N ALA A 69 -8.76 -15.71 -12.63
CA ALA A 69 -8.00 -16.93 -12.28
C ALA A 69 -8.30 -17.47 -10.89
N ARG A 70 -8.58 -16.58 -9.95
CA ARG A 70 -8.92 -16.96 -8.59
C ARG A 70 -10.40 -17.25 -8.36
N GLY A 71 -11.22 -17.11 -9.39
CA GLY A 71 -12.66 -17.31 -9.26
C GLY A 71 -13.43 -16.08 -8.80
N VAL A 72 -12.81 -14.91 -8.97
CA VAL A 72 -13.42 -13.62 -8.58
C VAL A 72 -13.70 -12.85 -9.85
N THR A 73 -14.98 -12.62 -10.11
CA THR A 73 -15.41 -11.85 -11.27
C THR A 73 -15.47 -10.38 -10.85
N PRO A 74 -15.49 -9.48 -11.84
CA PRO A 74 -15.60 -8.05 -11.54
C PRO A 74 -16.67 -7.68 -10.51
N ARG A 75 -17.86 -8.23 -10.62
CA ARG A 75 -18.90 -7.93 -9.63
C ARG A 75 -18.64 -8.53 -8.24
N ASP A 76 -17.74 -9.51 -8.13
CA ASP A 76 -17.45 -10.11 -6.83
C ASP A 76 -16.53 -9.21 -5.96
N LEU A 77 -15.81 -8.29 -6.59
CA LEU A 77 -14.92 -7.39 -5.82
C LEU A 77 -15.76 -6.37 -5.09
N ARG A 78 -15.76 -6.44 -3.75
CA ARG A 78 -16.59 -5.59 -2.94
C ARG A 78 -15.90 -4.32 -2.41
N LEU A 79 -14.63 -4.42 -2.05
CA LEU A 79 -13.96 -3.34 -1.33
C LEU A 79 -12.54 -3.20 -1.83
N ILE A 80 -12.08 -1.94 -1.94
CA ILE A 80 -10.68 -1.61 -2.15
C ILE A 80 -10.22 -0.82 -0.93
N LEU A 81 -9.08 -1.23 -0.38
CA LEU A 81 -8.39 -0.59 0.74
C LEU A 81 -7.03 -0.24 0.26
N LEU A 82 -6.43 0.78 0.88
CA LEU A 82 -5.18 1.31 0.41
C LEU A 82 -4.20 1.53 1.53
N SER A 83 -2.96 1.23 1.23
CA SER A 83 -1.83 1.59 2.11
C SER A 83 -1.63 3.10 2.07
N HIS A 84 -1.29 3.63 0.90
CA HIS A 84 -1.30 5.09 0.72
C HIS A 84 -1.56 5.43 -0.73
N ALA A 85 -2.02 6.67 -0.94
CA ALA A 85 -2.51 7.10 -2.25
C ALA A 85 -1.45 7.72 -3.16
N HIS A 86 -0.34 7.00 -3.36
CA HIS A 86 0.60 7.35 -4.40
C HIS A 86 0.31 6.53 -5.64
N ALA A 87 0.83 7.00 -6.79
CA ALA A 87 0.53 6.42 -8.10
C ALA A 87 0.91 4.95 -8.27
N ASP A 88 1.96 4.52 -7.57
CA ASP A 88 2.44 3.17 -7.65
C ASP A 88 1.74 2.20 -6.69
N HIS A 89 0.72 2.66 -5.95
CA HIS A 89 -0.12 1.77 -5.14
C HIS A 89 -1.64 1.92 -5.35
N ALA A 90 -2.09 3.14 -5.64
CA ALA A 90 -3.49 3.46 -5.88
C ALA A 90 -3.78 3.77 -7.35
N GLY A 91 -2.78 3.60 -8.20
CA GLY A 91 -2.85 4.04 -9.59
C GLY A 91 -4.06 3.58 -10.40
N PRO A 92 -4.45 2.29 -10.28
CA PRO A 92 -5.58 1.81 -11.08
C PRO A 92 -6.93 1.93 -10.40
N VAL A 93 -7.02 2.63 -9.25
CA VAL A 93 -8.24 2.53 -8.45
C VAL A 93 -9.47 3.08 -9.18
N ALA A 94 -9.31 4.21 -9.88
CA ALA A 94 -10.46 4.78 -10.59
C ALA A 94 -11.01 3.80 -11.63
N GLU A 95 -10.11 3.21 -12.40
CA GLU A 95 -10.50 2.25 -13.43
C GLU A 95 -11.13 0.99 -12.83
N LEU A 96 -10.57 0.52 -11.73
CA LEU A 96 -11.14 -0.63 -11.02
C LEU A 96 -12.57 -0.34 -10.57
N LYS A 97 -12.83 0.85 -10.05
CA LYS A 97 -14.18 1.24 -9.65
C LYS A 97 -15.13 1.23 -10.83
N ARG A 98 -14.68 1.74 -11.99
CA ARG A 98 -15.51 1.74 -13.19
C ARG A 98 -15.87 0.34 -13.66
N ARG A 99 -14.90 -0.58 -13.53
CA ARG A 99 -14.98 -1.90 -14.14
C ARG A 99 -15.47 -2.99 -13.19
N THR A 100 -15.64 -2.67 -11.92
CA THR A 100 -16.08 -3.65 -10.94
C THR A 100 -17.14 -3.03 -10.05
N GLY A 101 -17.70 -3.84 -9.16
CA GLY A 101 -18.58 -3.30 -8.12
C GLY A 101 -17.91 -2.69 -6.88
N ALA A 102 -16.60 -2.48 -6.92
CA ALA A 102 -15.84 -2.18 -5.70
C ALA A 102 -16.07 -0.74 -5.24
N LYS A 103 -16.21 -0.60 -3.92
CA LYS A 103 -16.20 0.68 -3.25
C LYS A 103 -14.89 0.82 -2.49
N VAL A 104 -14.44 2.06 -2.30
CA VAL A 104 -13.16 2.36 -1.67
C VAL A 104 -13.47 2.89 -0.28
N ALA A 105 -12.79 2.32 0.73
CA ALA A 105 -12.75 2.87 2.07
C ALA A 105 -11.34 3.37 2.34
N ALA A 106 -11.25 4.59 2.87
CA ALA A 106 -9.98 5.20 3.17
C ALA A 106 -10.13 6.29 4.22
N ASN A 107 -9.02 6.68 4.82
CA ASN A 107 -9.12 7.75 5.82
C ASN A 107 -9.22 9.05 5.06
N ALA A 108 -9.55 10.11 5.79
CA ALA A 108 -9.74 11.45 5.21
C ALA A 108 -8.54 11.95 4.38
N GLU A 109 -7.35 11.84 4.91
CA GLU A 109 -6.14 12.23 4.18
C GLU A 109 -5.95 11.46 2.85
N SER A 110 -6.09 10.14 2.93
CA SER A 110 -5.94 9.33 1.74
C SER A 110 -7.01 9.64 0.73
N ALA A 111 -8.24 9.84 1.20
CA ALA A 111 -9.36 10.18 0.32
C ALA A 111 -9.10 11.49 -0.42
N VAL A 112 -8.56 12.48 0.29
CA VAL A 112 -8.32 13.78 -0.31
C VAL A 112 -7.19 13.70 -1.35
N LEU A 113 -6.13 12.96 -1.06
CA LEU A 113 -5.04 12.79 -2.02
C LEU A 113 -5.49 11.99 -3.26
N LEU A 114 -6.26 10.92 -3.03
CA LEU A 114 -6.82 10.10 -4.12
C LEU A 114 -7.72 10.91 -5.06
N ALA A 115 -8.56 11.77 -4.46
CA ALA A 115 -9.48 12.63 -5.20
C ALA A 115 -8.74 13.66 -6.05
N ARG A 116 -7.52 14.00 -5.65
CA ARG A 116 -6.62 14.85 -6.44
C ARG A 116 -5.76 14.07 -7.42
N GLY A 117 -5.92 12.74 -7.49
CA GLY A 117 -5.05 11.89 -8.31
C GLY A 117 -3.56 12.02 -8.00
N GLY A 118 -3.28 12.33 -6.74
CA GLY A 118 -1.90 12.42 -6.26
C GLY A 118 -1.20 13.72 -6.61
N SER A 119 -1.93 14.65 -7.24
CA SER A 119 -1.38 15.98 -7.57
C SER A 119 -1.23 16.81 -6.30
N ASP A 120 -0.46 17.87 -6.40
CA ASP A 120 -0.11 18.71 -5.23
C ASP A 120 0.33 17.86 -4.04
N ASP A 121 1.18 16.86 -4.30
CA ASP A 121 1.72 16.00 -3.25
C ASP A 121 2.64 16.84 -2.36
N LEU A 122 2.63 16.60 -1.05
CA LEU A 122 3.42 17.43 -0.13
C LEU A 122 4.91 17.48 -0.49
N HIS A 123 5.42 16.39 -1.07
CA HIS A 123 6.83 16.28 -1.44
C HIS A 123 7.09 16.20 -2.95
N PHE A 124 6.18 15.55 -3.70
CA PHE A 124 6.44 15.24 -5.11
C PHE A 124 5.84 16.31 -6.04
N GLY A 125 5.05 17.21 -5.49
CA GLY A 125 4.24 18.10 -6.32
C GLY A 125 3.33 17.33 -7.26
N ASP A 126 3.44 17.65 -8.56
CA ASP A 126 2.70 16.98 -9.64
C ASP A 126 3.60 16.01 -10.41
N GLY A 127 4.73 15.61 -9.83
CA GLY A 127 5.64 14.66 -10.47
C GLY A 127 5.10 13.27 -10.68
N ILE A 128 4.20 12.83 -9.81
CA ILE A 128 3.76 11.42 -9.74
C ILE A 128 2.26 11.45 -9.50
N THR A 129 1.49 11.36 -10.58
CA THR A 129 0.04 11.52 -10.50
C THR A 129 -0.65 10.35 -11.20
N TYR A 130 -1.95 10.25 -11.04
CA TYR A 130 -2.73 9.14 -11.60
C TYR A 130 -4.19 9.58 -11.69
N PRO A 131 -5.04 8.80 -12.38
CA PRO A 131 -6.47 9.12 -12.43
C PRO A 131 -7.13 9.23 -11.05
N PRO A 132 -7.81 10.36 -10.77
CA PRO A 132 -8.41 10.54 -9.47
C PRO A 132 -9.62 9.64 -9.25
N ALA A 133 -9.87 9.38 -7.99
CA ALA A 133 -10.96 8.51 -7.60
C ALA A 133 -11.49 9.02 -6.31
N ASN A 134 -12.77 8.71 -6.06
CA ASN A 134 -13.47 9.13 -4.85
C ASN A 134 -13.57 7.95 -3.90
N ALA A 135 -13.41 8.23 -2.61
CA ALA A 135 -13.68 7.24 -1.57
C ALA A 135 -15.19 7.18 -1.34
N ASP A 136 -15.69 5.99 -1.04
CA ASP A 136 -17.10 5.77 -0.72
C ASP A 136 -17.37 5.79 0.77
N ARG A 137 -16.33 5.57 1.55
CA ARG A 137 -16.45 5.47 2.98
C ARG A 137 -15.17 6.02 3.60
N ILE A 138 -15.32 6.87 4.60
CA ILE A 138 -14.19 7.41 5.34
C ILE A 138 -14.01 6.61 6.64
N VAL A 139 -12.80 6.14 6.88
CA VAL A 139 -12.48 5.37 8.08
C VAL A 139 -11.62 6.17 9.06
N MET A 140 -11.86 5.90 10.34
CA MET A 140 -11.13 6.49 11.46
C MET A 140 -10.09 5.50 12.00
N ASP A 141 -9.12 6.03 12.75
CA ASP A 141 -8.04 5.21 13.24
C ASP A 141 -8.63 4.16 14.21
N GLY A 142 -8.33 2.89 13.94
CA GLY A 142 -8.77 1.77 14.76
C GLY A 142 -10.09 1.22 14.28
N GLU A 143 -10.68 1.82 13.25
CA GLU A 143 -11.99 1.41 12.79
C GLU A 143 -11.84 0.08 12.08
N VAL A 144 -12.85 -0.77 12.20
CA VAL A 144 -12.81 -2.06 11.56
C VAL A 144 -13.82 -2.09 10.46
N ILE A 145 -13.51 -2.85 9.42
CA ILE A 145 -14.44 -3.18 8.35
C ILE A 145 -14.45 -4.70 8.23
N THR A 146 -15.64 -5.28 8.18
CA THR A 146 -15.79 -6.71 8.17
C THR A 146 -16.39 -7.15 6.87
N VAL A 147 -15.72 -8.03 6.13
CA VAL A 147 -16.26 -8.60 4.91
C VAL A 147 -16.26 -10.14 5.04
N GLY A 148 -17.41 -10.74 4.76
CA GLY A 148 -17.65 -12.17 4.99
C GLY A 148 -16.81 -12.74 6.09
N GLY A 149 -16.82 -12.08 7.24
CA GLY A 149 -16.15 -12.63 8.40
C GLY A 149 -14.70 -12.35 8.58
N ILE A 150 -14.05 -11.78 7.58
CA ILE A 150 -12.69 -11.31 7.79
C ILE A 150 -12.75 -9.86 8.27
N VAL A 151 -12.15 -9.61 9.44
CA VAL A 151 -12.14 -8.28 10.05
C VAL A 151 -10.83 -7.54 9.74
N PHE A 152 -10.96 -6.42 9.03
CA PHE A 152 -9.83 -5.58 8.69
C PHE A 152 -9.79 -4.38 9.64
N THR A 153 -8.64 -4.13 10.26
CA THR A 153 -8.52 -3.02 11.19
C THR A 153 -7.52 -2.02 10.64
N ALA A 154 -7.91 -0.74 10.66
CA ALA A 154 -7.07 0.36 10.23
C ALA A 154 -6.18 0.85 11.36
N HIS A 155 -4.88 0.99 11.08
CA HIS A 155 -3.92 1.51 12.04
C HIS A 155 -3.20 2.65 11.33
N PHE A 156 -3.51 3.90 11.72
CA PHE A 156 -2.93 5.07 11.04
C PHE A 156 -1.46 5.12 11.37
N MET A 157 -0.64 5.38 10.37
CA MET A 157 0.81 5.50 10.52
C MET A 157 1.32 6.60 9.59
N ALA A 158 0.83 7.82 9.83
CA ALA A 158 1.24 9.02 9.10
C ALA A 158 2.74 9.21 9.02
N GLY A 159 3.18 9.66 7.86
CA GLY A 159 4.55 10.07 7.64
C GLY A 159 4.86 9.98 6.15
N HIS A 160 4.92 8.74 5.61
CA HIS A 160 5.20 8.60 4.18
C HIS A 160 4.19 9.44 3.37
N THR A 161 2.93 9.34 3.76
CA THR A 161 1.90 10.30 3.37
C THR A 161 1.14 10.55 4.66
N PRO A 162 0.46 11.71 4.76
CA PRO A 162 -0.40 11.96 5.91
C PRO A 162 -1.40 10.84 6.24
N GLY A 163 -1.97 10.24 5.19
CA GLY A 163 -2.99 9.24 5.31
C GLY A 163 -2.48 7.79 5.31
N SER A 164 -1.17 7.60 5.41
CA SER A 164 -0.59 6.24 5.42
C SER A 164 -1.25 5.38 6.50
N THR A 165 -1.60 4.15 6.11
CA THR A 165 -2.38 3.21 6.93
C THR A 165 -1.75 1.81 6.89
N ALA A 166 -1.67 1.17 8.06
CA ALA A 166 -1.42 -0.29 8.11
C ALA A 166 -2.78 -0.98 8.26
N TRP A 167 -3.01 -2.00 7.46
CA TRP A 167 -4.20 -2.81 7.61
C TRP A 167 -3.81 -4.21 8.15
N THR A 168 -4.57 -4.65 9.15
CA THR A 168 -4.35 -5.95 9.76
C THR A 168 -5.63 -6.77 9.72
N TRP A 169 -5.43 -8.08 9.54
CA TRP A 169 -6.51 -9.07 9.53
C TRP A 169 -5.94 -10.47 9.87
N THR A 170 -6.82 -11.38 10.28
CA THR A 170 -6.40 -12.73 10.63
C THR A 170 -6.96 -13.70 9.59
N ASP A 171 -6.06 -14.41 8.91
CA ASP A 171 -6.43 -15.45 7.98
C ASP A 171 -6.03 -16.77 8.68
N THR A 172 -5.93 -17.87 7.92
CA THR A 172 -5.53 -19.16 8.49
C THR A 172 -4.53 -19.82 7.56
N ARG A 173 -3.70 -20.69 8.12
CA ARG A 173 -2.76 -21.47 7.32
C ARG A 173 -2.30 -22.71 8.13
N ASN A 174 -2.10 -23.83 7.41
CA ASN A 174 -1.83 -25.15 8.01
C ASN A 174 -2.59 -25.35 9.31
N GLY A 175 -3.90 -25.11 9.28
CA GLY A 175 -4.75 -25.27 10.45
C GLY A 175 -4.78 -24.15 11.49
N LYS A 176 -3.79 -23.26 11.48
CA LYS A 176 -3.68 -22.24 12.52
C LYS A 176 -3.96 -20.82 12.00
N PRO A 177 -4.35 -19.89 12.91
CA PRO A 177 -4.58 -18.51 12.48
C PRO A 177 -3.27 -17.81 12.15
N VAL A 178 -3.33 -16.91 11.18
CA VAL A 178 -2.18 -16.13 10.76
C VAL A 178 -2.61 -14.66 10.78
N ARG A 179 -2.04 -13.90 11.71
CA ARG A 179 -2.28 -12.47 11.85
C ARG A 179 -1.38 -11.69 10.88
N ILE A 180 -1.99 -11.27 9.76
CA ILE A 180 -1.29 -10.58 8.68
C ILE A 180 -1.31 -9.08 8.93
N ALA A 181 -0.14 -8.47 8.77
CA ALA A 181 0.01 -7.02 8.88
C ALA A 181 0.50 -6.49 7.55
N TYR A 182 -0.35 -5.75 6.84
CA TYR A 182 0.04 -5.06 5.62
C TYR A 182 0.39 -3.65 6.04
N ALA A 183 1.67 -3.45 6.35
CA ALA A 183 2.15 -2.18 6.91
C ALA A 183 2.58 -1.31 5.75
N ASP A 184 2.23 -0.04 5.85
CA ASP A 184 2.58 0.90 4.78
C ASP A 184 4.07 1.21 4.81
N SER A 185 4.52 1.88 3.76
CA SER A 185 5.87 2.37 3.63
C SER A 185 6.25 3.29 4.77
N LEU A 186 7.51 3.20 5.19
CA LEU A 186 8.06 4.09 6.21
C LEU A 186 9.25 4.86 5.70
N SER A 187 9.39 4.89 4.38
CA SER A 187 10.42 5.64 3.70
C SER A 187 10.07 7.12 3.61
N ALA A 188 11.07 7.91 3.24
CA ALA A 188 10.89 9.33 3.00
C ALA A 188 11.77 9.75 1.83
N PRO A 189 11.46 9.23 0.60
CA PRO A 189 12.33 9.38 -0.56
C PRO A 189 12.42 10.83 -1.05
N GLY A 190 13.55 11.47 -0.78
CA GLY A 190 13.80 12.85 -1.20
C GLY A 190 13.03 13.89 -0.41
N TYR A 191 12.44 13.49 0.73
CA TYR A 191 11.63 14.40 1.52
C TYR A 191 12.52 15.36 2.28
N GLN A 192 12.12 16.62 2.33
CA GLN A 192 12.57 17.53 3.37
C GLN A 192 11.88 17.15 4.66
N LEU A 193 12.66 16.72 5.63
CA LEU A 193 12.15 16.22 6.90
C LEU A 193 11.98 17.32 7.95
N GLN A 194 12.99 18.18 8.07
CA GLN A 194 12.98 19.20 9.13
C GLN A 194 12.43 20.54 8.63
N GLY A 195 11.61 21.18 9.45
CA GLY A 195 11.02 22.48 9.12
C GLY A 195 10.30 22.52 7.78
N ASN A 196 9.64 21.42 7.41
CA ASN A 196 8.87 21.40 6.18
C ASN A 196 7.57 22.18 6.40
N PRO A 197 7.41 23.31 5.71
CA PRO A 197 6.22 24.11 5.96
C PRO A 197 4.88 23.40 5.62
N ARG A 198 4.92 22.47 4.67
CA ARG A 198 3.73 21.71 4.25
C ARG A 198 3.45 20.53 5.16
N TYR A 199 4.40 20.16 6.02
CA TYR A 199 4.21 19.08 7.00
C TYR A 199 5.05 19.40 8.25
N PRO A 200 4.64 20.42 9.03
CA PRO A 200 5.45 20.81 10.18
C PRO A 200 5.75 19.73 11.22
N HIS A 201 4.84 18.78 11.46
CA HIS A 201 5.08 17.69 12.44
C HIS A 201 5.47 16.35 11.82
N LEU A 202 6.08 16.42 10.66
CA LEU A 202 6.50 15.22 9.94
C LEU A 202 7.35 14.28 10.80
N ILE A 203 8.34 14.81 11.50
CA ILE A 203 9.28 13.97 12.25
C ILE A 203 8.58 13.24 13.38
N GLU A 204 7.78 13.97 14.14
CA GLU A 204 6.99 13.41 15.24
C GLU A 204 5.98 12.32 14.75
N ASP A 205 5.38 12.55 13.60
CA ASP A 205 4.47 11.53 13.03
C ASP A 205 5.24 10.26 12.68
N TYR A 206 6.33 10.39 11.95
CA TYR A 206 7.20 9.23 11.68
C TYR A 206 7.58 8.43 12.95
N ARG A 207 8.01 9.13 14.01
CA ARG A 207 8.39 8.43 15.24
C ARG A 207 7.24 7.68 15.84
N ARG A 208 6.07 8.30 15.87
CA ARG A 208 4.90 7.58 16.34
C ARG A 208 4.57 6.37 15.42
N SER A 209 4.82 6.54 14.12
CA SER A 209 4.52 5.45 13.17
C SER A 209 5.49 4.29 13.32
N PHE A 210 6.77 4.56 13.60
CA PHE A 210 7.69 3.46 13.93
C PHE A 210 7.12 2.61 15.10
N ALA A 211 6.66 3.27 16.15
CA ALA A 211 6.15 2.59 17.35
C ALA A 211 4.87 1.83 17.04
N THR A 212 4.03 2.40 16.20
CA THR A 212 2.80 1.76 15.78
C THR A 212 3.09 0.47 15.01
N VAL A 213 4.03 0.55 14.09
CA VAL A 213 4.31 -0.61 13.24
C VAL A 213 4.93 -1.74 14.10
N ARG A 214 5.81 -1.36 15.03
CA ARG A 214 6.46 -2.30 15.93
C ARG A 214 5.46 -3.11 16.73
N ALA A 215 4.37 -2.46 17.15
CA ALA A 215 3.38 -3.07 18.03
C ALA A 215 2.24 -3.79 17.33
N LEU A 216 2.18 -3.78 15.99
CA LEU A 216 1.05 -4.46 15.27
C LEU A 216 0.97 -5.97 15.51
N PRO A 217 -0.27 -6.52 15.49
CA PRO A 217 -0.40 -7.97 15.46
C PRO A 217 0.16 -8.47 14.14
N CYS A 218 1.19 -9.32 14.21
CA CYS A 218 2.10 -9.49 13.08
C CYS A 218 2.82 -10.83 13.00
N ASP A 219 2.07 -11.88 12.70
CA ASP A 219 2.65 -13.19 12.39
C ASP A 219 3.31 -13.16 11.03
N VAL A 220 2.69 -12.46 10.08
CA VAL A 220 3.28 -12.21 8.75
C VAL A 220 3.15 -10.71 8.40
N LEU A 221 4.28 -10.11 8.03
CA LEU A 221 4.35 -8.74 7.53
C LEU A 221 4.42 -8.77 6.02
N LEU A 222 3.63 -7.91 5.38
CA LEU A 222 3.76 -7.59 3.97
C LEU A 222 3.83 -6.08 3.82
N THR A 223 4.48 -5.61 2.75
CA THR A 223 4.61 -4.18 2.49
C THR A 223 4.35 -3.84 1.02
N PRO A 224 3.92 -2.58 0.77
CA PRO A 224 3.62 -2.18 -0.61
C PRO A 224 4.74 -2.43 -1.61
N HIS A 225 5.97 -2.09 -1.24
CA HIS A 225 7.16 -2.51 -1.98
C HIS A 225 7.68 -3.74 -1.24
N PRO A 226 7.54 -4.94 -1.84
CA PRO A 226 7.85 -6.15 -1.09
C PRO A 226 9.28 -6.23 -0.56
N GLY A 227 10.22 -5.68 -1.30
CA GLY A 227 11.60 -5.63 -0.85
C GLY A 227 11.79 -5.01 0.52
N ALA A 228 10.94 -4.06 0.88
CA ALA A 228 11.04 -3.39 2.18
C ALA A 228 10.81 -4.36 3.35
N SER A 229 10.00 -5.40 3.13
CA SER A 229 9.79 -6.41 4.18
C SER A 229 10.57 -7.73 3.88
N ASN A 230 11.48 -7.66 2.92
CA ASN A 230 12.30 -8.80 2.48
C ASN A 230 11.54 -9.91 1.82
N TRP A 231 10.41 -9.59 1.21
CA TRP A 231 9.69 -10.53 0.37
C TRP A 231 10.32 -10.59 -1.02
N ASP A 232 10.23 -11.76 -1.66
CA ASP A 232 10.72 -11.95 -3.02
C ASP A 232 9.62 -12.68 -3.73
N TYR A 233 8.70 -11.93 -4.35
CA TYR A 233 7.53 -12.56 -4.92
C TYR A 233 7.86 -13.52 -6.08
N ALA A 234 8.99 -13.31 -6.74
CA ALA A 234 9.42 -14.20 -7.84
C ALA A 234 10.03 -15.50 -7.34
N ALA A 235 10.24 -15.63 -6.02
CA ALA A 235 10.89 -16.80 -5.38
C ALA A 235 9.94 -17.97 -5.06
N GLY A 236 8.70 -17.91 -5.53
CA GLY A 236 7.76 -19.01 -5.40
C GLY A 236 7.58 -19.47 -3.96
N ALA A 237 7.96 -20.73 -3.69
CA ALA A 237 7.67 -21.33 -2.39
C ALA A 237 8.46 -20.70 -1.26
N ARG A 238 9.54 -20.01 -1.62
CA ARG A 238 10.35 -19.28 -0.66
C ARG A 238 10.10 -17.77 -0.70
N ALA A 239 9.03 -17.32 -1.37
CA ALA A 239 8.77 -15.88 -1.49
C ALA A 239 8.89 -15.17 -0.16
N GLY A 240 8.19 -15.71 0.85
CA GLY A 240 8.11 -15.08 2.16
C GLY A 240 9.12 -15.55 3.20
N ALA A 241 10.06 -16.43 2.83
CA ALA A 241 10.92 -17.09 3.82
C ALA A 241 11.73 -16.07 4.63
N LYS A 242 12.31 -15.08 3.95
CA LYS A 242 13.20 -14.10 4.55
C LYS A 242 12.49 -12.85 5.08
N ALA A 243 11.16 -12.88 5.08
CA ALA A 243 10.38 -11.73 5.46
C ALA A 243 10.73 -11.23 6.87
N LEU A 244 10.84 -9.91 6.99
CA LEU A 244 11.07 -9.30 8.27
C LEU A 244 9.85 -9.43 9.16
N THR A 245 10.08 -9.33 10.47
CA THR A 245 9.02 -9.06 11.42
C THR A 245 8.63 -7.56 11.34
N CYS A 246 7.45 -7.21 11.81
CA CYS A 246 7.07 -5.80 11.97
C CYS A 246 8.09 -5.03 12.83
N LYS A 247 8.56 -5.65 13.92
CA LYS A 247 9.59 -5.01 14.79
C LYS A 247 10.85 -4.69 14.03
N ALA A 248 11.32 -5.63 13.21
CA ALA A 248 12.55 -5.47 12.46
C ALA A 248 12.36 -4.42 11.36
N TYR A 249 11.19 -4.45 10.74
CA TYR A 249 10.88 -3.48 9.70
C TYR A 249 10.88 -2.05 10.27
N ALA A 250 10.24 -1.86 11.41
CA ALA A 250 10.18 -0.56 12.07
C ALA A 250 11.56 -0.10 12.48
N ASP A 251 12.35 -1.02 13.03
CA ASP A 251 13.70 -0.68 13.51
C ASP A 251 14.59 -0.23 12.35
N ALA A 252 14.54 -0.99 11.26
CA ALA A 252 15.29 -0.67 10.05
C ALA A 252 14.88 0.71 9.50
N ALA A 253 13.56 0.95 9.43
CA ALA A 253 13.05 2.22 8.93
C ALA A 253 13.52 3.38 9.81
N GLU A 254 13.50 3.20 11.13
CA GLU A 254 13.90 4.26 12.06
C GLU A 254 15.39 4.58 11.97
N GLN A 255 16.23 3.55 11.91
CA GLN A 255 17.66 3.75 11.76
C GLN A 255 17.93 4.48 10.46
N LYS A 256 17.27 4.06 9.38
CA LYS A 256 17.43 4.74 8.09
C LYS A 256 17.00 6.21 8.17
N PHE A 257 15.87 6.45 8.83
CA PHE A 257 15.33 7.80 9.01
C PHE A 257 16.27 8.72 9.82
N ASP A 258 16.83 8.18 10.91
CA ASP A 258 17.81 8.91 11.73
C ASP A 258 19.02 9.29 10.89
N GLY A 259 19.44 8.40 9.99
CA GLY A 259 20.57 8.68 9.06
C GLY A 259 20.22 9.77 8.07
N GLN A 260 18.98 9.74 7.58
CA GLN A 260 18.51 10.73 6.62
C GLN A 260 18.44 12.10 7.30
N LEU A 261 18.00 12.13 8.56
CA LEU A 261 17.96 13.37 9.34
C LEU A 261 19.38 13.99 9.47
N ALA A 262 20.36 13.14 9.79
CA ALA A 262 21.74 13.58 9.94
C ALA A 262 22.26 14.12 8.62
N LYS A 263 21.98 13.40 7.53
CA LYS A 263 22.44 13.82 6.19
C LYS A 263 21.79 15.13 5.77
N GLU A 264 20.54 15.34 6.16
CA GLU A 264 19.84 16.57 5.80
C GLU A 264 20.43 17.77 6.55
N THR A 265 20.66 17.58 7.84
CA THR A 265 21.31 18.58 8.66
C THR A 265 22.70 18.97 8.07
N ALA A 266 23.43 17.98 7.63
CA ALA A 266 24.74 18.23 7.03
C ALA A 266 24.56 18.92 5.67
N GLY A 267 23.52 18.56 4.94
CA GLY A 267 23.29 19.06 3.60
C GLY A 267 22.83 20.50 3.59
ZN ZN B . 4.62 6.23 -1.62
ZN ZN C . 5.60 3.28 -3.69
ZN ZN D . -11.86 -20.11 3.25
ZN ZN D . -10.37 -22.67 5.27
S SO4 E . -18.44 -2.96 8.99
O1 SO4 E . -19.86 -3.27 8.90
O2 SO4 E . -18.27 -1.63 9.65
O3 SO4 E . -17.98 -2.94 7.62
O4 SO4 E . -17.69 -3.97 9.77
S SO4 F . 6.99 -18.80 2.14
O1 SO4 F . 6.05 -19.91 2.32
O2 SO4 F . 6.80 -17.84 3.22
O3 SO4 F . 6.75 -18.24 0.83
O4 SO4 F . 8.36 -19.31 2.21
S SO4 G . -12.36 1.73 -18.32
O1 SO4 G . -12.65 1.98 -16.92
O2 SO4 G . -12.32 2.98 -19.05
O3 SO4 G . -13.42 0.88 -18.85
O4 SO4 G . -11.06 1.07 -18.45
S I38 H . 6.29 5.36 -2.92
C1 I38 H . 6.41 6.37 -4.25
C2 I38 H . 7.43 5.82 -5.24
C3 I38 H . 8.82 5.77 -4.67
O3 I38 H . 9.59 6.60 -5.05
N4 I38 H . 9.15 4.82 -3.77
C5 I38 H . 10.47 4.60 -3.17
C51 I38 H . 10.90 3.18 -3.50
C6 I38 H . 10.51 4.84 -1.66
O62 I38 H . 9.40 4.86 -1.04
O61 I38 H . 11.63 5.01 -1.08
#